data_7LHP
#
_entry.id   7LHP
#
_cell.length_a   118.211
_cell.length_b   63.803
_cell.length_c   74.767
_cell.angle_alpha   90.000
_cell.angle_beta   125.705
_cell.angle_gamma   90.000
#
_symmetry.space_group_name_H-M   'C 1 2 1'
#
loop_
_entity.id
_entity.type
_entity.pdbx_description
1 polymer 'Thiol:disulfide interchange protein DsbA'
2 non-polymer '(6-bromo-2-phenyl-1-benzofuran-3-yl)acetic acid'
3 non-polymer 'COPPER (II) ION'
4 water water
#
_entity_poly.entity_id   1
_entity_poly.type   'polypeptide(L)'
_entity_poly.pdbx_seq_one_letter_code
;AQYEDGKQYTTLEKPVAGAPQVLEFFSFFCPHCYQFEEVLHISDNVKKKLPEGVKMTKYHVNFMGGDLGKDLTQAWAVAM
ALGVEDKVTVPLFEGVQKTQTIRSASDIRDVFINAGIKGEEYDAAWNSFVVKSLVAQQEKAAADVQLRGVPAMFVNGKYQ
LNPQGMDTSNMDVFVQQYADTVKYLSEKK
;
_entity_poly.pdbx_strand_id   A,B
#
loop_
_chem_comp.id
_chem_comp.type
_chem_comp.name
_chem_comp.formula
CU non-polymer 'COPPER (II) ION' 'Cu 2'
Y1G non-polymer '(6-bromo-2-phenyl-1-benzofuran-3-yl)acetic acid' 'C16 H11 Br O3'
#
# COMPACT_ATOMS: atom_id res chain seq x y z
N ALA A 1 4.82 3.25 33.57
CA ALA A 1 3.47 2.77 33.31
C ALA A 1 3.44 1.92 32.03
N GLN A 2 2.40 1.09 31.89
CA GLN A 2 2.34 0.21 30.72
C GLN A 2 2.00 1.00 29.46
N TYR A 3 1.08 1.96 29.57
CA TYR A 3 0.77 2.88 28.48
C TYR A 3 1.45 4.19 28.83
N GLU A 4 2.33 4.67 27.95
CA GLU A 4 3.07 5.90 28.23
C GLU A 4 2.94 6.86 27.06
N ASP A 5 2.69 8.13 27.38
CA ASP A 5 2.80 9.22 26.43
C ASP A 5 4.15 9.16 25.72
N GLY A 6 4.11 9.06 24.39
CA GLY A 6 5.30 8.93 23.58
C GLY A 6 5.56 7.52 23.10
N LYS A 7 4.88 6.52 23.68
CA LYS A 7 5.03 5.14 23.23
C LYS A 7 3.86 4.73 22.32
N GLN A 8 2.71 4.44 22.92
CA GLN A 8 1.56 4.02 22.13
C GLN A 8 0.71 5.17 21.63
N TYR A 9 0.86 6.35 22.22
CA TYR A 9 0.08 7.52 21.88
C TYR A 9 0.87 8.76 22.21
N THR A 10 0.46 9.87 21.62
CA THR A 10 1.00 11.18 21.99
C THR A 10 -0.17 12.02 22.47
N THR A 11 0.15 13.15 23.10
CA THR A 11 -0.86 14.02 23.72
C THR A 11 -0.84 15.37 23.03
N LEU A 12 -1.98 15.79 22.47
CA LEU A 12 -2.05 17.06 21.76
C LEU A 12 -1.77 18.22 22.70
N GLU A 13 -0.92 19.14 22.25
CA GLU A 13 -0.61 20.33 23.05
C GLU A 13 -1.82 21.25 23.15
N LYS A 14 -2.66 21.29 22.12
CA LYS A 14 -3.82 22.17 22.09
C LYS A 14 -5.04 21.30 21.85
N PRO A 15 -5.64 20.73 22.90
CA PRO A 15 -6.77 19.82 22.70
C PRO A 15 -7.97 20.53 22.10
N VAL A 16 -8.85 19.74 21.49
CA VAL A 16 -9.92 20.25 20.63
C VAL A 16 -11.24 20.00 21.34
N ALA A 17 -11.89 21.07 21.74
CA ALA A 17 -13.20 20.98 22.37
C ALA A 17 -14.22 20.44 21.37
N GLY A 18 -15.06 19.52 21.84
CA GLY A 18 -16.17 19.03 21.04
C GLY A 18 -15.79 18.12 19.90
N ALA A 19 -14.60 17.51 19.94
CA ALA A 19 -14.20 16.61 18.89
C ALA A 19 -14.96 15.29 18.98
N PRO A 20 -15.05 14.55 17.88
CA PRO A 20 -15.63 13.21 17.96
C PRO A 20 -14.83 12.32 18.89
N GLN A 21 -15.53 11.36 19.49
CA GLN A 21 -14.91 10.47 20.48
C GLN A 21 -13.73 9.72 19.88
N VAL A 22 -13.95 9.10 18.73
CA VAL A 22 -12.91 8.35 18.03
C VAL A 22 -12.94 8.84 16.58
N LEU A 23 -11.86 9.49 16.17
CA LEU A 23 -11.82 10.17 14.89
C LEU A 23 -10.62 9.67 14.09
N GLU A 24 -10.87 9.09 12.92
CA GLU A 24 -9.82 8.62 12.03
C GLU A 24 -9.73 9.52 10.81
N PHE A 25 -8.50 9.78 10.36
CA PHE A 25 -8.27 10.45 9.09
C PHE A 25 -7.54 9.51 8.15
N PHE A 26 -7.91 9.54 6.87
CA PHE A 26 -7.30 8.63 5.90
C PHE A 26 -7.33 9.32 4.55
N SER A 27 -6.59 8.74 3.60
CA SER A 27 -6.68 9.15 2.21
C SER A 27 -6.69 7.91 1.34
N PHE A 28 -7.50 7.91 0.28
CA PHE A 28 -7.43 6.80 -0.68
C PHE A 28 -6.11 6.77 -1.45
N PHE A 29 -5.28 7.81 -1.37
CA PHE A 29 -3.92 7.81 -1.92
C PHE A 29 -2.87 7.23 -0.97
N CYS A 30 -3.20 7.06 0.26
CA CYS A 30 -2.34 6.66 1.36
C CYS A 30 -2.04 5.17 1.41
N PRO A 31 -0.79 4.73 1.16
CA PRO A 31 -0.50 3.29 1.17
C PRO A 31 -0.73 2.62 2.50
N HIS A 32 -0.37 3.27 3.62
CA HIS A 32 -0.66 2.66 4.92
C HIS A 32 -2.15 2.58 5.17
N CYS A 33 -2.91 3.55 4.66
CA CYS A 33 -4.37 3.53 4.82
C CYS A 33 -4.97 2.34 4.09
N TYR A 34 -4.50 2.07 2.88
CA TYR A 34 -4.87 0.84 2.19
C TYR A 34 -4.72 -0.37 3.09
N GLN A 35 -3.54 -0.50 3.71
N GLN A 35 -3.55 -0.49 3.72
CA GLN A 35 -3.27 -1.63 4.59
CA GLN A 35 -3.29 -1.64 4.58
C GLN A 35 -4.21 -1.62 5.80
C GLN A 35 -4.20 -1.62 5.81
N PHE A 36 -4.44 -0.45 6.38
CA PHE A 36 -5.34 -0.34 7.54
C PHE A 36 -6.74 -0.83 7.20
N GLU A 37 -7.16 -0.65 5.95
CA GLU A 37 -8.46 -1.12 5.49
C GLU A 37 -8.43 -2.62 5.16
N GLU A 38 -7.68 -3.01 4.11
CA GLU A 38 -7.82 -4.36 3.57
C GLU A 38 -7.05 -5.43 4.35
N VAL A 39 -5.88 -5.08 4.89
CA VAL A 39 -5.03 -6.11 5.49
C VAL A 39 -5.29 -6.25 6.98
N LEU A 40 -5.49 -5.14 7.67
CA LEU A 40 -5.57 -5.07 9.13
C LEU A 40 -6.96 -4.81 9.66
N HIS A 41 -7.84 -4.17 8.89
CA HIS A 41 -9.18 -3.82 9.33
C HIS A 41 -9.14 -3.14 10.70
N ILE A 42 -8.30 -2.12 10.79
CA ILE A 42 -8.12 -1.38 12.04
C ILE A 42 -9.45 -0.86 12.57
N SER A 43 -10.26 -0.21 11.73
CA SER A 43 -11.50 0.39 12.25
C SER A 43 -12.42 -0.67 12.83
N ASP A 44 -12.59 -1.80 12.13
N ASP A 44 -12.59 -1.80 12.12
CA ASP A 44 -13.48 -2.84 12.63
CA ASP A 44 -13.46 -2.87 12.59
C ASP A 44 -12.97 -3.41 13.95
C ASP A 44 -12.98 -3.41 13.93
N ASN A 45 -11.66 -3.54 14.09
CA ASN A 45 -11.10 -4.14 15.29
C ASN A 45 -11.12 -3.16 16.45
N VAL A 46 -10.89 -1.87 16.18
CA VAL A 46 -11.07 -0.88 17.22
C VAL A 46 -12.53 -0.88 17.69
N LYS A 47 -13.48 -0.93 16.74
CA LYS A 47 -14.89 -0.87 17.10
C LYS A 47 -15.31 -2.04 17.98
N LYS A 48 -14.78 -3.24 17.70
CA LYS A 48 -15.14 -4.40 18.49
C LYS A 48 -14.62 -4.33 19.92
N LYS A 49 -13.65 -3.48 20.20
CA LYS A 49 -13.11 -3.34 21.55
C LYS A 49 -13.71 -2.19 22.33
N LEU A 50 -14.57 -1.39 21.71
CA LEU A 50 -15.20 -0.27 22.40
C LEU A 50 -16.63 -0.63 22.78
N PRO A 51 -17.23 0.06 23.79
CA PRO A 51 -18.64 -0.18 24.11
C PRO A 51 -19.57 -0.06 22.91
N GLU A 52 -20.77 -0.64 23.01
CA GLU A 52 -21.74 -0.51 21.92
C GLU A 52 -22.13 0.95 21.74
N GLY A 53 -22.50 1.29 20.51
CA GLY A 53 -23.01 2.62 20.21
C GLY A 53 -22.01 3.75 20.23
N VAL A 54 -20.77 3.51 20.72
CA VAL A 54 -19.74 4.55 20.66
C VAL A 54 -19.60 5.05 19.23
N LYS A 55 -19.45 6.36 19.08
CA LYS A 55 -19.38 6.98 17.77
C LYS A 55 -17.94 6.91 17.29
N MET A 56 -17.73 6.24 16.17
CA MET A 56 -16.48 6.28 15.45
C MET A 56 -16.71 7.12 14.21
N THR A 57 -15.82 8.07 13.96
CA THR A 57 -15.91 8.95 12.81
C THR A 57 -14.66 8.75 11.94
N LYS A 58 -14.85 8.75 10.62
CA LYS A 58 -13.76 8.59 9.68
C LYS A 58 -13.88 9.64 8.57
N TYR A 59 -12.84 10.45 8.42
CA TYR A 59 -12.87 11.56 7.46
C TYR A 59 -11.73 11.38 6.45
N HIS A 60 -11.98 11.82 5.22
CA HIS A 60 -10.96 11.86 4.19
C HIS A 60 -10.21 13.20 4.27
N VAL A 61 -9.00 13.24 3.69
CA VAL A 61 -8.16 14.44 3.74
C VAL A 61 -7.80 14.88 2.33
N ASN A 62 -7.45 16.17 2.22
CA ASN A 62 -7.14 16.75 0.91
C ASN A 62 -5.67 16.67 0.52
N PHE A 63 -4.76 16.57 1.49
CA PHE A 63 -3.37 16.95 1.20
C PHE A 63 -2.60 15.88 0.40
N MET A 64 -3.24 14.80 0.01
CA MET A 64 -2.60 13.77 -0.80
C MET A 64 -3.33 13.77 -2.15
N GLY A 65 -2.60 13.94 -3.25
CA GLY A 65 -3.20 13.71 -4.55
C GLY A 65 -3.77 14.91 -5.27
N GLY A 66 -3.55 16.13 -4.79
CA GLY A 66 -3.89 17.30 -5.63
C GLY A 66 -5.38 17.41 -5.91
N ASP A 67 -5.73 17.69 -7.17
CA ASP A 67 -7.15 17.77 -7.56
C ASP A 67 -7.91 16.52 -7.15
N LEU A 68 -7.40 15.35 -7.50
CA LEU A 68 -8.13 14.12 -7.23
C LEU A 68 -8.29 13.89 -5.73
N GLY A 69 -7.30 14.34 -4.93
CA GLY A 69 -7.44 14.24 -3.49
C GLY A 69 -8.65 14.99 -2.98
N LYS A 70 -8.87 16.21 -3.50
CA LYS A 70 -10.05 16.99 -3.15
C LYS A 70 -11.33 16.36 -3.68
N ASP A 71 -11.30 15.85 -4.92
CA ASP A 71 -12.46 15.13 -5.46
C ASP A 71 -12.81 13.95 -4.56
N LEU A 72 -11.80 13.26 -4.02
CA LEU A 72 -12.07 12.10 -3.17
C LEU A 72 -12.66 12.51 -1.82
N THR A 73 -12.26 13.66 -1.30
CA THR A 73 -12.89 14.16 -0.08
C THR A 73 -14.34 14.49 -0.34
N GLN A 74 -14.64 15.07 -1.51
CA GLN A 74 -16.04 15.34 -1.82
C GLN A 74 -16.81 14.04 -2.03
N ALA A 75 -16.20 13.05 -2.69
CA ALA A 75 -16.85 11.76 -2.88
C ALA A 75 -17.07 11.05 -1.55
N TRP A 76 -16.13 11.18 -0.61
CA TRP A 76 -16.35 10.59 0.71
C TRP A 76 -17.51 11.29 1.44
N ALA A 77 -17.60 12.62 1.29
CA ALA A 77 -18.78 13.33 1.76
C ALA A 77 -20.05 12.74 1.17
N VAL A 78 -20.05 12.47 -0.15
CA VAL A 78 -21.22 11.82 -0.77
C VAL A 78 -21.48 10.48 -0.11
N ALA A 79 -20.42 9.66 0.04
CA ALA A 79 -20.60 8.33 0.62
C ALA A 79 -21.16 8.42 2.03
N MET A 80 -20.70 9.41 2.80
CA MET A 80 -21.19 9.61 4.16
C MET A 80 -22.65 10.04 4.15
N ALA A 81 -23.01 10.98 3.27
CA ALA A 81 -24.39 11.48 3.19
C ALA A 81 -25.37 10.37 2.78
N LEU A 82 -24.96 9.48 1.89
CA LEU A 82 -25.79 8.39 1.42
C LEU A 82 -25.69 7.13 2.27
N GLY A 83 -24.73 7.08 3.20
CA GLY A 83 -24.55 5.88 3.99
C GLY A 83 -24.01 4.69 3.22
N VAL A 84 -23.19 4.91 2.20
CA VAL A 84 -22.69 3.83 1.37
C VAL A 84 -21.18 3.63 1.55
N GLU A 85 -20.63 4.05 2.69
CA GLU A 85 -19.19 3.91 2.93
C GLU A 85 -18.71 2.47 2.75
N ASP A 86 -19.45 1.51 3.30
CA ASP A 86 -19.03 0.11 3.20
C ASP A 86 -19.13 -0.42 1.78
N LYS A 87 -19.86 0.25 0.90
CA LYS A 87 -19.97 -0.20 -0.48
C LYS A 87 -18.83 0.33 -1.35
N VAL A 88 -18.23 1.46 -1.03
CA VAL A 88 -17.29 2.10 -1.94
C VAL A 88 -15.86 2.14 -1.42
N THR A 89 -15.63 1.85 -0.13
CA THR A 89 -14.28 1.99 0.41
C THR A 89 -13.27 1.12 -0.33
N VAL A 90 -13.56 -0.17 -0.47
CA VAL A 90 -12.62 -1.08 -1.12
C VAL A 90 -12.46 -0.76 -2.61
N PRO A 91 -13.54 -0.59 -3.39
CA PRO A 91 -13.33 -0.22 -4.80
C PRO A 91 -12.55 1.09 -4.97
N LEU A 92 -12.71 2.05 -4.05
CA LEU A 92 -11.98 3.29 -4.18
C LEU A 92 -10.49 3.09 -3.90
N PHE A 93 -10.17 2.38 -2.81
CA PHE A 93 -8.77 2.06 -2.54
C PHE A 93 -8.15 1.32 -3.72
N GLU A 94 -8.85 0.32 -4.23
CA GLU A 94 -8.22 -0.48 -5.27
C GLU A 94 -8.16 0.28 -6.59
N GLY A 95 -9.18 1.09 -6.88
CA GLY A 95 -9.12 1.91 -8.08
C GLY A 95 -7.98 2.91 -8.08
N VAL A 96 -7.67 3.50 -6.91
CA VAL A 96 -6.56 4.43 -6.83
C VAL A 96 -5.21 3.70 -6.77
N GLN A 97 -5.09 2.66 -5.93
CA GLN A 97 -3.75 2.12 -5.63
C GLN A 97 -3.43 0.79 -6.28
N LYS A 98 -4.40 -0.07 -6.58
CA LYS A 98 -4.11 -1.39 -7.13
C LYS A 98 -4.19 -1.42 -8.65
N THR A 99 -5.35 -1.07 -9.21
CA THR A 99 -5.54 -1.05 -10.66
C THR A 99 -5.19 0.28 -11.29
N GLN A 100 -5.20 1.36 -10.50
CA GLN A 100 -4.91 2.71 -11.01
C GLN A 100 -5.86 3.07 -12.15
N THR A 101 -7.13 2.74 -11.95
CA THR A 101 -8.19 3.07 -12.88
C THR A 101 -8.95 4.34 -12.49
N ILE A 102 -8.65 4.95 -11.35
CA ILE A 102 -9.30 6.18 -10.93
C ILE A 102 -8.35 7.33 -11.21
N ARG A 103 -8.68 8.14 -12.21
CA ARG A 103 -7.85 9.26 -12.63
C ARG A 103 -8.62 10.56 -12.70
N SER A 104 -9.93 10.54 -12.50
CA SER A 104 -10.77 11.71 -12.71
C SER A 104 -12.01 11.56 -11.84
N ALA A 105 -12.70 12.68 -11.64
CA ALA A 105 -13.96 12.66 -10.90
C ALA A 105 -14.96 11.71 -11.54
N SER A 106 -14.96 11.62 -12.87
CA SER A 106 -15.85 10.67 -13.54
C SER A 106 -15.52 9.23 -13.17
N ASP A 107 -14.22 8.92 -13.03
CA ASP A 107 -13.83 7.57 -12.62
C ASP A 107 -14.30 7.25 -11.22
N ILE A 108 -14.22 8.24 -10.32
CA ILE A 108 -14.77 8.04 -8.98
C ILE A 108 -16.25 7.75 -9.06
N ARG A 109 -16.99 8.58 -9.81
CA ARG A 109 -18.42 8.37 -9.99
C ARG A 109 -18.74 6.96 -10.48
N ASP A 110 -17.94 6.44 -11.41
CA ASP A 110 -18.14 5.08 -11.94
C ASP A 110 -18.11 4.03 -10.82
N VAL A 111 -17.22 4.20 -9.83
CA VAL A 111 -17.18 3.29 -8.69
C VAL A 111 -18.54 3.26 -7.99
N PHE A 112 -19.15 4.44 -7.79
CA PHE A 112 -20.46 4.47 -7.12
C PHE A 112 -21.55 3.85 -7.98
N ILE A 113 -21.50 4.09 -9.29
CA ILE A 113 -22.48 3.49 -10.21
C ILE A 113 -22.35 1.97 -10.16
N ASN A 114 -21.11 1.47 -10.26
CA ASN A 114 -20.88 0.03 -10.21
C ASN A 114 -21.30 -0.56 -8.85
N ALA A 115 -21.27 0.24 -7.78
CA ALA A 115 -21.71 -0.23 -6.48
C ALA A 115 -23.21 -0.09 -6.28
N GLY A 116 -23.96 0.35 -7.29
CA GLY A 116 -25.40 0.37 -7.23
C GLY A 116 -26.03 1.68 -6.82
N ILE A 117 -25.25 2.74 -6.64
CA ILE A 117 -25.80 4.07 -6.42
C ILE A 117 -26.26 4.63 -7.75
N LYS A 118 -27.49 5.13 -7.80
CA LYS A 118 -28.05 5.69 -9.02
C LYS A 118 -27.31 6.96 -9.44
N GLY A 119 -27.23 7.17 -10.76
CA GLY A 119 -26.50 8.32 -11.26
C GLY A 119 -27.10 9.64 -10.84
N GLU A 120 -28.44 9.75 -10.96
CA GLU A 120 -29.11 10.96 -10.48
C GLU A 120 -28.89 11.15 -8.98
N GLU A 121 -28.92 10.06 -8.23
CA GLU A 121 -28.74 10.12 -6.79
C GLU A 121 -27.34 10.58 -6.42
N TYR A 122 -26.32 10.02 -7.07
CA TYR A 122 -24.94 10.47 -6.87
C TYR A 122 -24.76 11.92 -7.24
N ASP A 123 -25.20 12.30 -8.45
CA ASP A 123 -25.00 13.67 -8.92
C ASP A 123 -25.73 14.68 -8.04
N ALA A 124 -26.94 14.35 -7.59
CA ALA A 124 -27.68 15.25 -6.71
C ALA A 124 -26.95 15.44 -5.38
N ALA A 125 -26.41 14.37 -4.81
CA ALA A 125 -25.62 14.51 -3.59
C ALA A 125 -24.33 15.29 -3.85
N TRP A 126 -23.60 14.94 -4.91
CA TRP A 126 -22.33 15.61 -5.22
C TRP A 126 -22.47 17.13 -5.23
N ASN A 127 -23.56 17.64 -5.80
CA ASN A 127 -23.77 19.07 -5.93
C ASN A 127 -24.55 19.68 -4.77
N SER A 128 -24.84 18.91 -3.74
CA SER A 128 -25.73 19.37 -2.68
C SER A 128 -24.99 20.24 -1.67
N PHE A 129 -25.74 21.13 -1.02
CA PHE A 129 -25.14 21.94 0.02
C PHE A 129 -24.89 21.14 1.29
N VAL A 130 -25.67 20.08 1.52
CA VAL A 130 -25.36 19.16 2.60
C VAL A 130 -23.97 18.57 2.43
N VAL A 131 -23.63 18.16 1.20
CA VAL A 131 -22.29 17.64 0.93
C VAL A 131 -21.24 18.72 1.04
N LYS A 132 -21.52 19.93 0.57
CA LYS A 132 -20.59 21.04 0.82
C LYS A 132 -20.25 21.18 2.30
N SER A 133 -21.26 21.02 3.17
CA SER A 133 -21.04 21.16 4.60
C SER A 133 -20.27 19.98 5.17
N LEU A 134 -20.54 18.77 4.66
CA LEU A 134 -19.78 17.60 5.09
C LEU A 134 -18.32 17.73 4.68
N VAL A 135 -18.06 18.32 3.51
CA VAL A 135 -16.69 18.60 3.09
C VAL A 135 -16.03 19.55 4.08
N ALA A 136 -16.74 20.64 4.45
CA ALA A 136 -16.21 21.58 5.42
C ALA A 136 -15.95 20.91 6.77
N GLN A 137 -16.86 20.03 7.21
CA GLN A 137 -16.65 19.34 8.49
C GLN A 137 -15.36 18.53 8.48
N GLN A 138 -15.10 17.81 7.38
CA GLN A 138 -13.89 17.01 7.29
C GLN A 138 -12.65 17.90 7.30
N GLU A 139 -12.70 19.02 6.57
CA GLU A 139 -11.56 19.92 6.54
C GLU A 139 -11.34 20.56 7.91
N LYS A 140 -12.42 20.97 8.57
CA LYS A 140 -12.30 21.63 9.85
C LYS A 140 -11.73 20.69 10.91
N ALA A 141 -12.16 19.43 10.88
CA ALA A 141 -11.67 18.46 11.86
C ALA A 141 -10.18 18.21 11.69
N ALA A 142 -9.70 18.13 10.45
CA ALA A 142 -8.27 17.95 10.21
C ALA A 142 -7.50 19.21 10.57
N ALA A 143 -8.05 20.39 10.27
CA ALA A 143 -7.38 21.62 10.66
C ALA A 143 -7.26 21.74 12.18
N ASP A 144 -8.31 21.35 12.90
CA ASP A 144 -8.32 21.47 14.35
C ASP A 144 -7.11 20.80 15.00
N VAL A 145 -6.65 19.68 14.44
CA VAL A 145 -5.54 18.94 15.03
C VAL A 145 -4.24 19.18 14.28
N GLN A 146 -4.21 20.16 13.39
CA GLN A 146 -3.07 20.42 12.52
C GLN A 146 -2.52 19.12 11.97
N LEU A 147 -3.24 18.51 11.04
CA LEU A 147 -2.93 17.16 10.55
C LEU A 147 -1.96 17.23 9.38
N ARG A 148 -0.81 16.56 9.53
CA ARG A 148 0.17 16.47 8.46
C ARG A 148 0.40 15.04 7.95
N GLY A 149 -0.18 14.04 8.60
CA GLY A 149 0.01 12.66 8.15
C GLY A 149 -1.23 11.81 8.36
N VAL A 150 -1.42 10.86 7.46
CA VAL A 150 -2.44 9.82 7.62
C VAL A 150 -1.75 8.47 7.42
N PRO A 151 -2.33 7.39 7.97
CA PRO A 151 -3.55 7.27 8.76
C PRO A 151 -3.34 7.84 10.17
N ALA A 152 -4.34 8.51 10.71
CA ALA A 152 -4.25 9.05 12.05
C ALA A 152 -5.56 8.75 12.77
N MET A 153 -5.45 8.40 14.07
CA MET A 153 -6.57 8.28 15.00
C MET A 153 -6.41 9.34 16.11
N PHE A 154 -7.51 9.99 16.48
CA PHE A 154 -7.53 10.84 17.66
C PHE A 154 -8.63 10.38 18.59
N VAL A 155 -8.39 10.50 19.91
CA VAL A 155 -9.37 10.09 20.91
C VAL A 155 -9.72 11.28 21.79
N ASN A 156 -11.01 11.64 21.80
CA ASN A 156 -11.55 12.73 22.63
C ASN A 156 -10.85 14.07 22.37
N GLY A 157 -10.34 14.27 21.16
CA GLY A 157 -9.66 15.50 20.84
C GLY A 157 -8.38 15.74 21.60
N LYS A 158 -7.87 14.75 22.31
CA LYS A 158 -6.72 14.95 23.17
C LYS A 158 -5.54 14.03 22.88
N TYR A 159 -5.78 12.81 22.39
CA TYR A 159 -4.73 11.81 22.26
C TYR A 159 -4.65 11.32 20.81
N GLN A 160 -3.43 11.20 20.30
CA GLN A 160 -3.20 10.69 18.96
C GLN A 160 -2.49 9.34 19.05
N LEU A 161 -3.03 8.35 18.35
CA LEU A 161 -2.42 7.02 18.33
C LEU A 161 -1.03 7.10 17.70
N ASN A 162 -0.12 6.26 18.20
CA ASN A 162 1.26 6.18 17.70
C ASN A 162 1.59 4.76 17.25
N PRO A 163 1.16 4.37 16.05
CA PRO A 163 1.38 2.98 15.62
C PRO A 163 2.84 2.61 15.40
N GLN A 164 3.75 3.58 15.18
CA GLN A 164 5.16 3.25 15.06
C GLN A 164 5.82 2.84 16.38
N GLY A 165 5.16 3.05 17.51
CA GLY A 165 5.65 2.53 18.77
C GLY A 165 5.08 1.16 19.11
N MET A 166 4.74 0.39 18.07
CA MET A 166 3.97 -0.84 18.23
C MET A 166 4.67 -1.95 17.44
N ASP A 167 4.51 -3.20 17.91
CA ASP A 167 5.24 -4.33 17.34
C ASP A 167 4.59 -4.77 16.03
N THR A 168 5.39 -4.88 14.96
CA THR A 168 4.85 -5.25 13.65
C THR A 168 5.50 -6.52 13.09
N SER A 169 5.96 -7.41 13.97
CA SER A 169 6.35 -8.74 13.51
C SER A 169 5.12 -9.58 13.19
N ASN A 170 4.01 -9.34 13.88
CA ASN A 170 2.77 -10.08 13.72
C ASN A 170 1.63 -9.08 13.47
N MET A 171 1.02 -9.15 12.28
CA MET A 171 -0.11 -8.28 11.96
C MET A 171 -1.23 -8.36 12.99
N ASP A 172 -1.52 -9.55 13.50
CA ASP A 172 -2.64 -9.66 14.42
C ASP A 172 -2.33 -8.99 15.76
N VAL A 173 -1.10 -9.14 16.23
CA VAL A 173 -0.69 -8.54 17.51
C VAL A 173 -0.71 -7.02 17.41
N PHE A 174 -0.25 -6.50 16.28
CA PHE A 174 -0.24 -5.05 16.04
C PHE A 174 -1.63 -4.46 16.13
N VAL A 175 -2.59 -5.06 15.41
CA VAL A 175 -3.97 -4.58 15.43
C VAL A 175 -4.50 -4.58 16.87
N GLN A 176 -4.21 -5.63 17.62
CA GLN A 176 -4.71 -5.77 18.98
C GLN A 176 -4.12 -4.71 19.91
N GLN A 177 -2.82 -4.43 19.76
N GLN A 177 -2.82 -4.43 19.77
CA GLN A 177 -2.21 -3.38 20.58
CA GLN A 177 -2.19 -3.39 20.56
C GLN A 177 -2.82 -2.02 20.25
C GLN A 177 -2.80 -2.03 20.25
N TYR A 178 -3.03 -1.76 18.97
CA TYR A 178 -3.66 -0.50 18.55
C TYR A 178 -5.06 -0.38 19.13
N ALA A 179 -5.86 -1.45 19.02
CA ALA A 179 -7.24 -1.41 19.49
C ALA A 179 -7.30 -1.27 21.00
N ASP A 180 -6.42 -1.99 21.71
CA ASP A 180 -6.41 -1.89 23.17
C ASP A 180 -5.98 -0.51 23.63
N THR A 181 -5.09 0.15 22.88
CA THR A 181 -4.69 1.51 23.23
C THR A 181 -5.86 2.48 23.08
N VAL A 182 -6.63 2.35 22.00
CA VAL A 182 -7.81 3.19 21.82
C VAL A 182 -8.78 3.00 22.97
N LYS A 183 -9.01 1.75 23.39
CA LYS A 183 -9.87 1.49 24.52
C LYS A 183 -9.35 2.19 25.77
N TYR A 184 -8.07 2.00 26.06
CA TYR A 184 -7.46 2.63 27.23
C TYR A 184 -7.63 4.13 27.19
N LEU A 185 -7.32 4.75 26.05
CA LEU A 185 -7.44 6.19 25.91
C LEU A 185 -8.88 6.65 26.07
N SER A 186 -9.82 5.90 25.47
CA SER A 186 -11.23 6.26 25.57
C SER A 186 -11.72 6.26 27.02
N GLU A 187 -11.10 5.47 27.89
CA GLU A 187 -11.46 5.41 29.30
C GLU A 187 -10.65 6.39 30.15
N LYS A 188 -9.71 7.10 29.56
CA LYS A 188 -8.85 8.04 30.28
C LYS A 188 -9.56 9.36 30.52
N ALA B 1 10.78 12.37 -31.51
CA ALA B 1 11.27 11.00 -31.25
C ALA B 1 10.28 10.19 -30.44
N GLN B 2 10.22 8.89 -30.69
CA GLN B 2 9.28 8.04 -29.95
C GLN B 2 9.58 8.05 -28.45
N TYR B 3 10.80 7.67 -28.07
CA TYR B 3 11.17 7.58 -26.67
C TYR B 3 11.76 8.90 -26.20
N GLU B 4 11.12 9.54 -25.23
CA GLU B 4 11.60 10.80 -24.70
C GLU B 4 11.77 10.71 -23.20
N ASP B 5 12.93 11.20 -22.73
CA ASP B 5 13.23 11.20 -21.31
C ASP B 5 12.16 11.95 -20.54
N GLY B 6 11.65 11.32 -19.47
CA GLY B 6 10.56 11.86 -18.72
C GLY B 6 9.20 11.42 -19.19
N LYS B 7 9.10 10.83 -20.39
CA LYS B 7 7.84 10.23 -20.81
C LYS B 7 7.84 8.76 -20.38
N GLN B 8 8.40 7.86 -21.20
CA GLN B 8 8.42 6.42 -20.87
C GLN B 8 9.44 6.06 -19.79
N TYR B 9 10.41 6.93 -19.49
CA TYR B 9 11.49 6.58 -18.57
C TYR B 9 12.12 7.86 -18.06
N THR B 10 12.92 7.73 -16.99
CA THR B 10 13.77 8.80 -16.51
C THR B 10 15.19 8.26 -16.40
N THR B 11 16.14 9.19 -16.21
CA THR B 11 17.56 8.88 -16.17
C THR B 11 18.10 9.17 -14.77
N LEU B 12 18.77 8.19 -14.18
CA LEU B 12 19.30 8.37 -12.83
C LEU B 12 20.40 9.42 -12.83
N GLU B 13 20.30 10.38 -11.90
CA GLU B 13 21.33 11.40 -11.76
C GLU B 13 22.66 10.79 -11.33
N LYS B 14 22.62 9.82 -10.41
CA LYS B 14 23.81 9.10 -9.96
C LYS B 14 23.65 7.64 -10.34
N PRO B 15 24.12 7.22 -11.51
CA PRO B 15 23.96 5.82 -11.92
C PRO B 15 24.82 4.90 -11.06
N VAL B 16 24.51 3.60 -11.18
CA VAL B 16 25.07 2.55 -10.33
C VAL B 16 25.94 1.65 -11.18
N ALA B 17 27.17 1.44 -10.74
CA ALA B 17 28.08 0.53 -11.42
C ALA B 17 27.77 -0.91 -11.05
N GLY B 18 27.79 -1.79 -12.05
CA GLY B 18 27.60 -3.20 -11.81
C GLY B 18 26.20 -3.62 -11.45
N ALA B 19 25.20 -2.82 -11.81
CA ALA B 19 23.82 -3.20 -11.53
C ALA B 19 23.35 -4.26 -12.52
N PRO B 20 22.32 -5.01 -12.18
CA PRO B 20 21.75 -5.98 -13.14
C PRO B 20 21.21 -5.28 -14.38
N GLN B 21 21.16 -6.04 -15.48
CA GLN B 21 20.66 -5.46 -16.74
C GLN B 21 19.25 -4.95 -16.57
N VAL B 22 18.40 -5.76 -15.94
CA VAL B 22 16.99 -5.46 -15.73
C VAL B 22 16.67 -5.83 -14.29
N LEU B 23 16.45 -4.83 -13.44
CA LEU B 23 16.26 -5.02 -12.01
C LEU B 23 14.88 -4.53 -11.60
N GLU B 24 14.05 -5.44 -11.13
CA GLU B 24 12.70 -5.16 -10.70
C GLU B 24 12.63 -5.23 -9.17
N PHE B 25 11.91 -4.28 -8.55
CA PHE B 25 11.68 -4.30 -7.11
C PHE B 25 10.19 -4.46 -6.85
N PHE B 26 9.85 -5.21 -5.80
CA PHE B 26 8.46 -5.40 -5.41
C PHE B 26 8.38 -5.66 -3.91
N SER B 27 7.14 -5.68 -3.40
CA SER B 27 6.84 -6.16 -2.06
C SER B 27 5.60 -7.03 -2.13
N PHE B 28 5.54 -8.09 -1.31
CA PHE B 28 4.30 -8.84 -1.23
C PHE B 28 3.16 -8.05 -0.57
N PHE B 29 3.46 -6.91 0.06
CA PHE B 29 2.43 -6.03 0.62
C PHE B 29 1.92 -5.02 -0.40
N CYS B 30 2.54 -4.94 -1.57
CA CYS B 30 2.31 -3.86 -2.52
C CYS B 30 1.18 -4.24 -3.47
N PRO B 31 0.02 -3.58 -3.42
CA PRO B 31 -1.10 -4.00 -4.28
C PRO B 31 -0.86 -3.74 -5.77
N HIS B 32 -0.19 -2.66 -6.12
CA HIS B 32 0.11 -2.42 -7.53
C HIS B 32 1.15 -3.42 -8.04
N CYS B 33 2.01 -3.93 -7.16
CA CYS B 33 2.95 -4.98 -7.57
C CYS B 33 2.22 -6.28 -7.89
N TYR B 34 1.22 -6.61 -7.08
CA TYR B 34 0.37 -7.77 -7.35
C TYR B 34 -0.29 -7.61 -8.70
N GLN B 35 -0.84 -6.43 -8.97
CA GLN B 35 -1.46 -6.14 -10.25
C GLN B 35 -0.47 -6.30 -11.42
N PHE B 36 0.70 -5.70 -11.30
CA PHE B 36 1.75 -5.83 -12.32
C PHE B 36 2.04 -7.30 -12.61
N GLU B 37 2.37 -8.06 -11.56
CA GLU B 37 2.86 -9.42 -11.77
C GLU B 37 1.74 -10.37 -12.17
N GLU B 38 0.59 -10.30 -11.50
CA GLU B 38 -0.38 -11.37 -11.68
C GLU B 38 -1.59 -10.99 -12.53
N VAL B 39 -1.84 -9.71 -12.79
CA VAL B 39 -2.95 -9.29 -13.63
C VAL B 39 -2.47 -8.79 -15.00
N LEU B 40 -1.59 -7.79 -15.01
CA LEU B 40 -1.06 -7.29 -16.26
C LEU B 40 0.02 -8.18 -16.85
N HIS B 41 0.67 -8.99 -16.02
CA HIS B 41 1.80 -9.82 -16.41
C HIS B 41 2.93 -9.00 -17.01
N ILE B 42 3.29 -7.91 -16.33
CA ILE B 42 4.34 -7.02 -16.86
C ILE B 42 5.64 -7.80 -17.06
N SER B 43 6.10 -8.51 -16.04
CA SER B 43 7.39 -9.19 -16.16
C SER B 43 7.38 -10.23 -17.28
N ASP B 44 6.25 -10.92 -17.49
CA ASP B 44 6.19 -11.90 -18.57
C ASP B 44 6.37 -11.26 -19.93
N ASN B 45 5.71 -10.12 -20.15
CA ASN B 45 5.75 -9.44 -21.43
C ASN B 45 7.08 -8.76 -21.67
N VAL B 46 7.69 -8.24 -20.60
CA VAL B 46 9.07 -7.75 -20.71
C VAL B 46 10.00 -8.88 -21.14
N LYS B 47 9.95 -10.01 -20.42
CA LYS B 47 10.86 -11.12 -20.72
C LYS B 47 10.69 -11.60 -22.15
N LYS B 48 9.46 -11.61 -22.67
CA LYS B 48 9.22 -12.10 -24.02
C LYS B 48 9.96 -11.25 -25.05
N LYS B 49 10.24 -10.00 -24.74
CA LYS B 49 10.86 -9.08 -25.69
C LYS B 49 12.31 -8.76 -25.38
N LEU B 50 12.89 -9.35 -24.34
CA LEU B 50 14.25 -9.00 -23.98
C LEU B 50 15.24 -9.62 -24.96
N PRO B 51 16.27 -8.87 -25.36
CA PRO B 51 17.24 -9.42 -26.32
C PRO B 51 17.96 -10.62 -25.75
N GLU B 52 18.64 -11.33 -26.63
CA GLU B 52 19.43 -12.48 -26.23
C GLU B 52 20.58 -12.04 -25.34
N GLY B 53 20.70 -12.68 -24.18
CA GLY B 53 21.75 -12.35 -23.24
C GLY B 53 21.35 -11.35 -22.17
N VAL B 54 20.06 -11.13 -21.96
CA VAL B 54 19.56 -10.23 -20.93
C VAL B 54 18.61 -11.04 -20.05
N LYS B 55 18.98 -11.23 -18.78
CA LYS B 55 18.13 -11.89 -17.81
C LYS B 55 17.49 -10.86 -16.88
N MET B 56 16.37 -11.25 -16.27
CA MET B 56 15.66 -10.37 -15.34
C MET B 56 15.94 -10.77 -13.91
N THR B 57 16.23 -9.78 -13.09
CA THR B 57 16.42 -9.95 -11.66
C THR B 57 15.27 -9.28 -10.93
N LYS B 58 14.74 -9.93 -9.90
CA LYS B 58 13.68 -9.34 -9.10
C LYS B 58 14.04 -9.46 -7.61
N TYR B 59 13.93 -8.33 -6.90
CA TYR B 59 14.25 -8.26 -5.48
C TYR B 59 13.03 -7.78 -4.69
N HIS B 60 12.97 -8.17 -3.43
CA HIS B 60 11.94 -7.75 -2.50
C HIS B 60 12.48 -6.62 -1.62
N VAL B 61 11.57 -5.80 -1.09
CA VAL B 61 11.95 -4.63 -0.32
C VAL B 61 11.30 -4.70 1.06
N ASN B 62 11.95 -4.05 2.04
CA ASN B 62 11.56 -4.10 3.45
C ASN B 62 10.52 -3.07 3.84
N PHE B 63 10.48 -1.91 3.18
CA PHE B 63 9.75 -0.76 3.70
C PHE B 63 8.22 -0.84 3.52
N MET B 64 7.65 -2.03 3.33
CA MET B 64 6.21 -2.21 3.46
C MET B 64 5.96 -3.35 4.44
N GLY B 65 4.98 -3.17 5.32
CA GLY B 65 4.59 -4.24 6.20
C GLY B 65 5.38 -4.37 7.48
N GLY B 66 6.14 -3.35 7.87
CA GLY B 66 6.85 -3.41 9.15
C GLY B 66 7.89 -4.51 9.16
N ASP B 67 8.10 -5.09 10.35
CA ASP B 67 9.08 -6.17 10.52
C ASP B 67 8.73 -7.40 9.69
N LEU B 68 7.45 -7.65 9.49
CA LEU B 68 7.07 -8.73 8.61
C LEU B 68 7.64 -8.52 7.21
N GLY B 69 7.77 -7.25 6.80
CA GLY B 69 8.35 -6.99 5.50
C GLY B 69 9.78 -7.47 5.38
N LYS B 70 10.57 -7.30 6.44
CA LYS B 70 11.93 -7.81 6.44
C LYS B 70 11.96 -9.34 6.35
N ASP B 71 11.06 -10.01 7.08
CA ASP B 71 10.97 -11.48 6.99
C ASP B 71 10.64 -11.92 5.56
N LEU B 72 9.75 -11.20 4.89
CA LEU B 72 9.41 -11.53 3.51
C LEU B 72 10.58 -11.33 2.56
N THR B 73 11.42 -10.32 2.82
CA THR B 73 12.63 -10.15 2.02
C THR B 73 13.57 -11.34 2.17
N GLN B 74 13.72 -11.83 3.41
CA GLN B 74 14.55 -13.00 3.63
C GLN B 74 13.91 -14.25 3.02
N ALA B 75 12.58 -14.35 3.08
CA ALA B 75 11.89 -15.48 2.46
C ALA B 75 12.08 -15.47 0.95
N TRP B 76 12.04 -14.28 0.34
CA TRP B 76 12.27 -14.19 -1.09
C TRP B 76 13.70 -14.58 -1.44
N ALA B 77 14.66 -14.26 -0.56
CA ALA B 77 16.02 -14.77 -0.75
C ALA B 77 16.04 -16.30 -0.73
N VAL B 78 15.27 -16.91 0.17
CA VAL B 78 15.15 -18.37 0.19
C VAL B 78 14.53 -18.87 -1.12
N ALA B 79 13.48 -18.21 -1.59
CA ALA B 79 12.84 -18.60 -2.85
C ALA B 79 13.82 -18.55 -4.00
N MET B 80 14.68 -17.52 -4.01
CA MET B 80 15.68 -17.39 -5.06
C MET B 80 16.71 -18.50 -4.94
N ALA B 81 17.12 -18.82 -3.71
CA ALA B 81 18.19 -19.79 -3.50
C ALA B 81 17.72 -21.21 -3.78
N LEU B 82 16.45 -21.51 -3.49
CA LEU B 82 15.86 -22.80 -3.80
C LEU B 82 15.30 -22.88 -5.21
N GLY B 83 15.23 -21.75 -5.92
CA GLY B 83 14.62 -21.76 -7.24
C GLY B 83 13.14 -22.11 -7.24
N VAL B 84 12.38 -21.57 -6.29
CA VAL B 84 10.96 -21.87 -6.18
C VAL B 84 10.11 -20.60 -6.32
N GLU B 85 10.67 -19.56 -6.97
CA GLU B 85 9.91 -18.34 -7.22
C GLU B 85 8.57 -18.63 -7.89
N ASP B 86 8.56 -19.54 -8.86
CA ASP B 86 7.36 -19.84 -9.62
C ASP B 86 6.44 -20.84 -8.91
N LYS B 87 6.71 -21.12 -7.65
CA LYS B 87 5.79 -21.91 -6.83
C LYS B 87 5.21 -21.13 -5.65
N VAL B 88 5.97 -20.19 -5.08
CA VAL B 88 5.52 -19.52 -3.86
C VAL B 88 5.01 -18.11 -4.09
N THR B 89 5.20 -17.54 -5.28
CA THR B 89 4.84 -16.13 -5.50
C THR B 89 3.34 -15.90 -5.30
N VAL B 90 2.51 -16.77 -5.87
CA VAL B 90 1.05 -16.67 -5.71
C VAL B 90 0.61 -16.90 -4.27
N PRO B 91 0.98 -18.00 -3.61
CA PRO B 91 0.54 -18.14 -2.22
C PRO B 91 1.04 -17.03 -1.31
N LEU B 92 2.19 -16.43 -1.61
CA LEU B 92 2.68 -15.33 -0.78
C LEU B 92 1.85 -14.07 -1.03
N PHE B 93 1.57 -13.73 -2.31
CA PHE B 93 0.72 -12.58 -2.61
C PHE B 93 -0.67 -12.75 -2.01
N GLU B 94 -1.30 -13.89 -2.30
CA GLU B 94 -2.65 -14.13 -1.79
C GLU B 94 -2.67 -14.26 -0.28
N GLY B 95 -1.64 -14.87 0.31
CA GLY B 95 -1.61 -15.00 1.75
C GLY B 95 -1.52 -13.67 2.47
N VAL B 96 -0.73 -12.73 1.92
CA VAL B 96 -0.59 -11.40 2.53
C VAL B 96 -1.83 -10.53 2.22
N GLN B 97 -2.22 -10.42 0.95
CA GLN B 97 -3.18 -9.41 0.55
C GLN B 97 -4.61 -9.91 0.35
N LYS B 98 -4.84 -11.20 0.06
CA LYS B 98 -6.18 -11.66 -0.28
C LYS B 98 -6.84 -12.43 0.85
N THR B 99 -6.27 -13.56 1.27
CA THR B 99 -6.86 -14.33 2.35
C THR B 99 -6.43 -13.83 3.72
N GLN B 100 -5.38 -13.03 3.81
CA GLN B 100 -4.82 -12.58 5.08
C GLN B 100 -4.54 -13.75 6.02
N THR B 101 -3.83 -14.75 5.50
CA THR B 101 -3.36 -15.87 6.31
C THR B 101 -1.86 -15.81 6.55
N ILE B 102 -1.18 -14.83 5.99
CA ILE B 102 0.23 -14.60 6.25
C ILE B 102 0.32 -13.39 7.17
N ARG B 103 0.58 -13.67 8.45
CA ARG B 103 0.59 -12.66 9.49
C ARG B 103 1.90 -12.64 10.27
N SER B 104 2.79 -13.61 10.05
CA SER B 104 4.04 -13.74 10.77
C SER B 104 4.99 -14.58 9.93
N ALA B 105 6.22 -14.74 10.42
CA ALA B 105 7.23 -15.51 9.69
C ALA B 105 6.88 -17.00 9.64
N SER B 106 6.19 -17.52 10.65
CA SER B 106 5.81 -18.93 10.64
C SER B 106 4.82 -19.21 9.51
N ASP B 107 3.92 -18.28 9.23
CA ASP B 107 2.96 -18.44 8.15
C ASP B 107 3.67 -18.46 6.81
N ILE B 108 4.76 -17.70 6.69
CA ILE B 108 5.56 -17.71 5.47
C ILE B 108 6.19 -19.09 5.27
N ARG B 109 6.81 -19.62 6.32
CA ARG B 109 7.35 -20.96 6.30
C ARG B 109 6.31 -21.98 5.84
N ASP B 110 5.07 -21.84 6.31
CA ASP B 110 4.03 -22.81 5.97
C ASP B 110 3.79 -22.85 4.47
N VAL B 111 3.88 -21.69 3.80
CA VAL B 111 3.65 -21.62 2.36
C VAL B 111 4.68 -22.47 1.61
N PHE B 112 5.95 -22.42 2.03
CA PHE B 112 6.99 -23.20 1.35
C PHE B 112 6.81 -24.69 1.62
N ILE B 113 6.54 -25.06 2.87
CA ILE B 113 6.23 -26.44 3.21
C ILE B 113 5.03 -26.92 2.42
N ASN B 114 4.01 -26.07 2.29
CA ASN B 114 2.80 -26.42 1.56
C ASN B 114 3.09 -26.65 0.08
N ALA B 115 4.10 -25.97 -0.46
CA ALA B 115 4.51 -26.15 -1.84
C ALA B 115 5.45 -27.34 -2.02
N GLY B 116 5.75 -28.09 -0.95
CA GLY B 116 6.53 -29.31 -1.05
C GLY B 116 7.98 -29.22 -0.62
N ILE B 117 8.44 -28.05 -0.16
CA ILE B 117 9.77 -27.91 0.41
C ILE B 117 9.76 -28.46 1.84
N LYS B 118 10.71 -29.34 2.16
CA LYS B 118 10.80 -29.85 3.52
C LYS B 118 11.14 -28.72 4.48
N GLY B 119 10.52 -28.74 5.66
CA GLY B 119 10.77 -27.68 6.62
C GLY B 119 12.23 -27.57 7.01
N GLU B 120 12.91 -28.72 7.12
CA GLU B 120 14.32 -28.72 7.47
C GLU B 120 15.16 -28.04 6.41
N GLU B 121 14.78 -28.21 5.14
CA GLU B 121 15.49 -27.55 4.05
C GLU B 121 15.16 -26.06 3.98
N TYR B 122 13.90 -25.68 4.20
CA TYR B 122 13.58 -24.26 4.30
C TYR B 122 14.45 -23.61 5.37
N ASP B 123 14.51 -24.23 6.56
CA ASP B 123 15.23 -23.64 7.68
C ASP B 123 16.72 -23.56 7.41
N ALA B 124 17.29 -24.60 6.80
CA ALA B 124 18.71 -24.55 6.45
C ALA B 124 18.99 -23.43 5.47
N ALA B 125 18.14 -23.28 4.47
CA ALA B 125 18.31 -22.18 3.53
C ALA B 125 18.14 -20.84 4.22
N TRP B 126 17.12 -20.72 5.08
CA TRP B 126 16.86 -19.47 5.78
C TRP B 126 18.10 -18.95 6.50
N ASN B 127 18.84 -19.84 7.15
CA ASN B 127 20.02 -19.48 7.93
C ASN B 127 21.31 -19.60 7.14
N SER B 128 21.24 -19.76 5.83
CA SER B 128 22.43 -20.05 5.06
C SER B 128 23.20 -18.78 4.71
N PHE B 129 24.48 -18.96 4.38
CA PHE B 129 25.29 -17.82 3.94
C PHE B 129 24.78 -17.26 2.62
N VAL B 130 24.31 -18.15 1.73
CA VAL B 130 23.74 -17.69 0.47
C VAL B 130 22.58 -16.72 0.73
N VAL B 131 21.67 -17.09 1.62
CA VAL B 131 20.48 -16.27 1.84
C VAL B 131 20.85 -15.00 2.61
N LYS B 132 21.80 -15.09 3.54
CA LYS B 132 22.26 -13.89 4.23
C LYS B 132 22.88 -12.89 3.26
N SER B 133 23.66 -13.39 2.29
CA SER B 133 24.25 -12.50 1.30
C SER B 133 23.22 -12.01 0.29
N LEU B 134 22.21 -12.84 -0.01
CA LEU B 134 21.14 -12.43 -0.90
C LEU B 134 20.30 -11.31 -0.29
N VAL B 135 20.13 -11.32 1.03
CA VAL B 135 19.43 -10.22 1.70
C VAL B 135 20.23 -8.94 1.57
N ALA B 136 21.55 -9.02 1.79
CA ALA B 136 22.39 -7.82 1.69
C ALA B 136 22.35 -7.24 0.28
N GLN B 137 22.37 -8.10 -0.75
CA GLN B 137 22.30 -7.62 -2.12
C GLN B 137 21.00 -6.86 -2.38
N GLN B 138 19.88 -7.42 -1.95
CA GLN B 138 18.59 -6.78 -2.18
C GLN B 138 18.52 -5.41 -1.50
N GLU B 139 18.93 -5.36 -0.23
CA GLU B 139 18.94 -4.08 0.48
C GLU B 139 19.91 -3.09 -0.17
N LYS B 140 21.13 -3.56 -0.49
CA LYS B 140 22.11 -2.74 -1.21
C LYS B 140 21.54 -2.15 -2.50
N ALA B 141 20.89 -2.99 -3.31
CA ALA B 141 20.40 -2.55 -4.60
C ALA B 141 19.40 -1.42 -4.45
N ALA B 142 18.46 -1.57 -3.50
CA ALA B 142 17.50 -0.50 -3.25
C ALA B 142 18.19 0.76 -2.76
N ALA B 143 19.20 0.62 -1.89
CA ALA B 143 19.96 1.78 -1.42
C ALA B 143 20.65 2.48 -2.58
N ASP B 144 21.18 1.71 -3.52
CA ASP B 144 21.93 2.28 -4.63
C ASP B 144 21.05 3.18 -5.50
N VAL B 145 19.80 2.80 -5.72
CA VAL B 145 18.95 3.59 -6.59
C VAL B 145 18.08 4.52 -5.76
N GLN B 146 18.39 4.62 -4.46
CA GLN B 146 17.63 5.45 -3.52
C GLN B 146 16.14 5.15 -3.62
N LEU B 147 15.81 3.87 -3.68
CA LEU B 147 14.44 3.44 -3.92
C LEU B 147 13.50 3.96 -2.85
N ARG B 148 12.45 4.66 -3.30
CA ARG B 148 11.43 5.17 -2.39
C ARG B 148 10.07 4.49 -2.55
N GLY B 149 9.88 3.68 -3.58
CA GLY B 149 8.60 3.02 -3.76
C GLY B 149 8.68 1.85 -4.71
N VAL B 150 7.64 1.01 -4.65
CA VAL B 150 7.47 -0.10 -5.58
C VAL B 150 6.07 0.00 -6.17
N PRO B 151 5.83 -0.64 -7.34
CA PRO B 151 6.82 -1.31 -8.18
C PRO B 151 7.81 -0.35 -8.80
N ALA B 152 8.95 -0.90 -9.21
CA ALA B 152 10.01 -0.14 -9.85
C ALA B 152 10.85 -1.12 -10.68
N MET B 153 11.32 -0.63 -11.82
CA MET B 153 12.20 -1.36 -12.74
C MET B 153 13.33 -0.44 -13.18
N PHE B 154 14.55 -0.99 -13.23
CA PHE B 154 15.73 -0.22 -13.62
C PHE B 154 16.51 -1.01 -14.66
N VAL B 155 17.02 -0.30 -15.66
CA VAL B 155 17.78 -0.91 -16.75
C VAL B 155 19.22 -0.45 -16.64
N ASN B 156 20.13 -1.42 -16.47
CA ASN B 156 21.58 -1.17 -16.46
C ASN B 156 21.98 -0.11 -15.43
N GLY B 157 21.23 -0.02 -14.34
CA GLY B 157 21.56 0.91 -13.27
C GLY B 157 21.52 2.36 -13.68
N LYS B 158 20.98 2.63 -14.86
CA LYS B 158 20.99 3.97 -15.42
C LYS B 158 19.61 4.55 -15.66
N TYR B 159 18.62 3.74 -16.04
CA TYR B 159 17.31 4.23 -16.41
C TYR B 159 16.25 3.62 -15.52
N GLN B 160 15.22 4.41 -15.22
CA GLN B 160 14.12 3.99 -14.39
C GLN B 160 12.83 4.05 -15.20
N LEU B 161 12.09 2.94 -15.22
CA LEU B 161 10.85 2.92 -15.99
C LEU B 161 9.86 3.91 -15.39
N ASN B 162 9.15 4.64 -16.25
CA ASN B 162 8.17 5.65 -15.84
C ASN B 162 6.79 5.30 -16.38
N PRO B 163 6.12 4.29 -15.81
CA PRO B 163 4.81 3.92 -16.34
C PRO B 163 3.78 5.03 -16.26
N GLN B 164 3.93 5.98 -15.33
CA GLN B 164 2.98 7.07 -15.21
C GLN B 164 3.02 8.02 -16.41
N GLY B 165 4.07 7.97 -17.23
CA GLY B 165 4.12 8.72 -18.46
C GLY B 165 3.68 7.97 -19.71
N MET B 166 3.24 6.72 -19.57
CA MET B 166 2.83 5.89 -20.69
C MET B 166 1.31 6.01 -20.91
N ASP B 167 0.81 5.25 -21.86
CA ASP B 167 -0.62 5.19 -22.18
C ASP B 167 -1.36 4.46 -21.07
N THR B 168 -1.95 5.21 -20.13
CA THR B 168 -2.56 4.64 -18.94
C THR B 168 -4.00 4.17 -19.16
N SER B 169 -4.48 4.16 -20.41
CA SER B 169 -5.87 3.81 -20.69
C SER B 169 -5.96 2.42 -21.30
N ASN B 170 -5.46 2.22 -22.51
CA ASN B 170 -5.38 0.90 -23.10
C ASN B 170 -4.30 0.07 -22.41
N MET B 171 -4.70 -0.91 -21.60
CA MET B 171 -3.66 -1.62 -20.86
C MET B 171 -2.89 -2.61 -21.73
N ASP B 172 -3.53 -3.20 -22.73
CA ASP B 172 -2.76 -4.04 -23.66
C ASP B 172 -1.66 -3.23 -24.31
N VAL B 173 -1.94 -1.99 -24.70
CA VAL B 173 -0.92 -1.15 -25.31
C VAL B 173 0.09 -0.70 -24.26
N PHE B 174 -0.39 -0.36 -23.07
CA PHE B 174 0.50 -0.01 -21.97
C PHE B 174 1.49 -1.11 -21.67
N VAL B 175 1.02 -2.35 -21.58
CA VAL B 175 1.90 -3.46 -21.24
C VAL B 175 2.99 -3.61 -22.29
N GLN B 176 2.62 -3.56 -23.58
CA GLN B 176 3.66 -3.65 -24.61
C GLN B 176 4.52 -2.39 -24.65
N GLN B 177 3.93 -1.22 -24.35
CA GLN B 177 4.74 0.00 -24.26
C GLN B 177 5.81 -0.15 -23.18
N TYR B 178 5.43 -0.68 -22.02
CA TYR B 178 6.38 -0.96 -20.96
C TYR B 178 7.43 -1.96 -21.42
N ALA B 179 6.98 -3.08 -22.00
CA ALA B 179 7.91 -4.10 -22.50
C ALA B 179 8.87 -3.52 -23.55
N ASP B 180 8.33 -2.74 -24.49
CA ASP B 180 9.15 -2.13 -25.55
C ASP B 180 10.11 -1.09 -25.00
N THR B 181 9.70 -0.35 -23.96
CA THR B 181 10.60 0.61 -23.35
C THR B 181 11.79 -0.11 -22.71
N VAL B 182 11.54 -1.22 -22.01
CA VAL B 182 12.63 -2.00 -21.43
C VAL B 182 13.58 -2.47 -22.54
N LYS B 183 13.02 -3.05 -23.60
CA LYS B 183 13.86 -3.49 -24.72
C LYS B 183 14.65 -2.32 -25.31
N TYR B 184 14.02 -1.15 -25.42
CA TYR B 184 14.69 0.02 -25.99
C TYR B 184 15.84 0.48 -25.12
N LEU B 185 15.59 0.63 -23.83
CA LEU B 185 16.64 1.03 -22.89
C LEU B 185 17.75 -0.01 -22.83
N SER B 186 17.39 -1.30 -22.90
CA SER B 186 18.38 -2.36 -22.87
C SER B 186 19.39 -2.22 -24.01
N GLU B 187 18.93 -1.76 -25.18
CA GLU B 187 19.77 -1.65 -26.36
C GLU B 187 20.50 -0.32 -26.44
N LYS B 188 20.37 0.53 -25.43
CA LYS B 188 21.11 1.78 -25.36
C LYS B 188 22.57 1.49 -25.04
C1 Y1G C . 2.20 -3.09 9.02
C2 Y1G C . 2.83 -2.14 9.83
C3 Y1G C . 2.43 -0.81 9.77
C4 Y1G C . 2.82 0.40 10.44
C5 Y1G C . 3.83 0.50 11.55
C6 Y1G C . 5.26 0.47 11.07
C7 Y1G C . 2.05 1.41 9.90
C8 Y1G C . 1.97 2.86 10.08
C Y1G C . 1.19 -2.68 8.17
O Y1G C . 6.12 0.80 11.99
C10 Y1G C . 0.69 4.90 10.16
C11 Y1G C . 1.84 5.63 10.33
C12 Y1G C . 3.06 4.99 10.38
C13 Y1G C . 3.13 3.61 10.27
C14 Y1G C . 1.42 -0.46 8.89
C15 Y1G C . 0.78 -1.37 8.08
C9 Y1G C . 0.75 3.52 10.04
O1 Y1G C . 5.58 0.16 9.92
O2 Y1G C . 1.18 0.89 8.96
BR Y1G C . 0.29 -3.99 7.14
CU CU D . 9.61 12.77 -29.74
#